data_1YAC
#
_entry.id   1YAC
#
_cell.length_a   91.898
_cell.length_b   91.898
_cell.length_c   113.400
_cell.angle_alpha   90.00
_cell.angle_beta   90.00
_cell.angle_gamma   90.00
#
_symmetry.space_group_name_H-M   'P 4 21 2'
#
loop_
_entity.id
_entity.type
_entity.pdbx_description
1 polymer 'YCAC GENE PRODUCT'
2 water water
#
_entity_poly.entity_id   1
_entity_poly.type   'polypeptide(L)'
_entity_poly.pdbx_seq_one_letter_code
;MTKPYVRLDKNDAAVLLVDHQAGLLSLVRDIEPDKFKNNVLALGDLAKYFNLPTILTTSAETGPNGPLVPELKAQFPDAP
YIARPGNINAWDNEDFVKAVKATGKKQLIIAGVVTEVCVAFPALSAIEEGFDVFVVTDASGTFNEITRHSAWDRMSQAGA
QLMTWFGVACELHRDWRNDIAGLATLFSNHIPDYRNLMTSYDTLTKQK
;
_entity_poly.pdbx_strand_id   A,B
#
# COMPACT_ATOMS: atom_id res chain seq x y z
N THR A 2 -10.72 20.87 -33.40
CA THR A 2 -10.89 21.74 -32.21
C THR A 2 -9.59 21.67 -31.43
N LYS A 3 -9.69 21.55 -30.10
CA LYS A 3 -8.49 21.43 -29.31
C LYS A 3 -7.95 20.04 -29.61
N PRO A 4 -6.68 19.96 -30.00
CA PRO A 4 -6.07 18.67 -30.30
C PRO A 4 -5.91 17.89 -29.01
N TYR A 5 -6.00 16.57 -29.12
CA TYR A 5 -5.81 15.70 -27.95
C TYR A 5 -4.29 15.43 -27.95
N VAL A 6 -3.57 16.12 -27.07
CA VAL A 6 -2.12 15.97 -26.96
C VAL A 6 -1.89 14.81 -25.97
N ARG A 7 -1.85 13.60 -26.51
CA ARG A 7 -1.69 12.40 -25.71
C ARG A 7 -0.28 11.85 -25.63
N LEU A 8 0.04 11.23 -24.49
CA LEU A 8 1.34 10.65 -24.25
C LEU A 8 1.71 9.65 -25.32
N ASP A 9 2.96 9.75 -25.74
CA ASP A 9 3.54 8.91 -26.78
C ASP A 9 4.75 8.28 -26.14
N LYS A 10 4.73 6.95 -26.00
CA LYS A 10 5.84 6.24 -25.35
C LYS A 10 7.20 6.44 -26.01
N ASN A 11 7.22 7.00 -27.21
CA ASN A 11 8.46 7.28 -27.90
C ASN A 11 8.87 8.75 -27.85
N ASP A 12 8.01 9.56 -27.26
CA ASP A 12 8.32 10.99 -27.16
C ASP A 12 8.12 11.54 -25.76
N ALA A 13 8.33 10.71 -24.75
CA ALA A 13 8.14 11.12 -23.36
C ALA A 13 9.28 10.75 -22.41
N ALA A 14 9.60 11.65 -21.50
CA ALA A 14 10.63 11.41 -20.50
C ALA A 14 9.93 11.58 -19.13
N VAL A 15 10.46 10.91 -18.12
CA VAL A 15 9.89 10.99 -16.79
C VAL A 15 10.84 11.72 -15.86
N LEU A 16 10.34 12.73 -15.14
CA LEU A 16 11.15 13.49 -14.18
C LEU A 16 10.64 13.19 -12.78
N LEU A 17 11.47 12.57 -11.95
CA LEU A 17 11.10 12.24 -10.58
C LEU A 17 11.86 13.21 -9.68
N VAL A 18 11.14 14.17 -9.13
CA VAL A 18 11.72 15.23 -8.34
C VAL A 18 11.55 15.20 -6.82
N ASP A 19 12.67 15.00 -6.13
CA ASP A 19 12.73 15.03 -4.67
C ASP A 19 11.86 14.07 -3.84
N HIS A 20 11.68 12.84 -4.32
CA HIS A 20 10.93 11.85 -3.54
C HIS A 20 11.98 11.35 -2.53
N GLN A 21 12.26 12.19 -1.55
CA GLN A 21 13.26 11.89 -0.52
C GLN A 21 12.66 11.42 0.80
N ALA A 22 13.40 10.58 1.52
CA ALA A 22 12.94 10.00 2.78
C ALA A 22 12.42 11.01 3.80
N GLY A 23 13.17 12.09 4.00
CA GLY A 23 12.76 13.11 4.93
C GLY A 23 11.55 13.86 4.41
N LEU A 24 11.62 14.30 3.15
CA LEU A 24 10.53 15.05 2.53
C LEU A 24 9.20 14.31 2.48
N LEU A 25 9.23 12.98 2.38
CA LEU A 25 7.99 12.21 2.34
C LEU A 25 7.20 12.36 3.64
N SER A 26 7.86 12.72 4.75
CA SER A 26 7.13 12.89 6.02
C SER A 26 6.23 14.14 5.98
N LEU A 27 6.56 15.07 5.08
CA LEU A 27 5.78 16.29 4.90
C LEU A 27 4.49 16.04 4.09
N VAL A 28 4.46 14.94 3.35
CA VAL A 28 3.32 14.59 2.54
C VAL A 28 2.16 14.09 3.42
N ARG A 29 1.10 14.89 3.49
CA ARG A 29 -0.07 14.51 4.29
C ARG A 29 -1.36 14.66 3.50
N ASP A 30 -1.27 15.09 2.23
CA ASP A 30 -2.50 15.22 1.45
C ASP A 30 -2.92 13.87 0.84
N ILE A 31 -1.99 12.93 0.77
CA ILE A 31 -2.27 11.60 0.27
C ILE A 31 -1.68 10.68 1.34
N GLU A 32 -2.50 9.75 1.88
CA GLU A 32 -2.04 8.85 2.93
C GLU A 32 -0.86 8.03 2.45
N PRO A 33 0.08 7.70 3.35
CA PRO A 33 1.29 6.94 3.03
C PRO A 33 1.23 5.62 2.31
N ASP A 34 0.28 4.74 2.63
CA ASP A 34 0.22 3.45 1.95
C ASP A 34 -0.10 3.65 0.46
N LYS A 35 -1.08 4.50 0.20
CA LYS A 35 -1.47 4.83 -1.18
C LYS A 35 -0.34 5.60 -1.88
N PHE A 36 0.26 6.57 -1.18
CA PHE A 36 1.33 7.35 -1.79
C PHE A 36 2.53 6.51 -2.19
N LYS A 37 2.95 5.62 -1.28
CA LYS A 37 4.08 4.75 -1.57
C LYS A 37 3.77 3.90 -2.81
N ASN A 38 2.60 3.27 -2.82
CA ASN A 38 2.22 2.42 -3.95
C ASN A 38 2.24 3.20 -5.27
N ASN A 39 1.69 4.41 -5.26
CA ASN A 39 1.61 5.27 -6.44
C ASN A 39 2.99 5.69 -6.97
N VAL A 40 3.88 6.08 -6.06
CA VAL A 40 5.23 6.47 -6.47
C VAL A 40 5.95 5.27 -7.09
N LEU A 41 5.82 4.11 -6.47
CA LEU A 41 6.47 2.91 -6.98
C LEU A 41 5.83 2.49 -8.30
N ALA A 42 4.53 2.73 -8.44
CA ALA A 42 3.82 2.39 -9.66
C ALA A 42 4.39 3.20 -10.80
N LEU A 43 4.62 4.50 -10.54
CA LEU A 43 5.17 5.42 -11.53
C LEU A 43 6.58 4.98 -11.93
N GLY A 44 7.40 4.61 -10.94
CA GLY A 44 8.73 4.13 -11.28
C GLY A 44 8.65 2.88 -12.14
N ASP A 45 7.77 1.95 -11.78
CA ASP A 45 7.60 0.69 -12.50
C ASP A 45 7.13 0.92 -13.93
N LEU A 46 6.23 1.88 -14.13
CA LEU A 46 5.75 2.14 -15.48
C LEU A 46 6.83 2.81 -16.32
N ALA A 47 7.63 3.67 -15.71
CA ALA A 47 8.72 4.34 -16.42
C ALA A 47 9.68 3.27 -16.92
N LYS A 48 9.98 2.31 -16.05
CA LYS A 48 10.86 1.21 -16.40
C LYS A 48 10.23 0.31 -17.46
N TYR A 49 8.97 -0.05 -17.25
CA TYR A 49 8.24 -0.92 -18.18
C TYR A 49 8.19 -0.35 -19.60
N PHE A 50 7.84 0.93 -19.72
CA PHE A 50 7.76 1.58 -21.02
C PHE A 50 9.12 2.04 -21.51
N ASN A 51 10.19 1.81 -20.72
CA ASN A 51 11.52 2.22 -21.16
C ASN A 51 11.64 3.70 -21.45
N LEU A 52 11.06 4.54 -20.60
CA LEU A 52 11.12 5.98 -20.85
C LEU A 52 12.36 6.58 -20.20
N PRO A 53 13.08 7.44 -20.93
CA PRO A 53 14.28 8.06 -20.35
C PRO A 53 13.81 8.71 -19.07
N THR A 54 14.50 8.42 -17.96
CA THR A 54 14.11 8.93 -16.65
C THR A 54 15.21 9.75 -15.99
N ILE A 55 14.81 10.83 -15.34
CA ILE A 55 15.73 11.73 -14.66
C ILE A 55 15.38 11.85 -13.18
N LEU A 56 16.35 11.55 -12.32
CA LEU A 56 16.17 11.64 -10.88
C LEU A 56 16.88 12.89 -10.36
N THR A 57 16.29 13.56 -9.39
CA THR A 57 16.92 14.74 -8.83
C THR A 57 16.51 14.87 -7.38
N THR A 58 17.40 15.43 -6.55
CA THR A 58 17.12 15.60 -5.14
C THR A 58 17.56 16.98 -4.70
N SER A 59 17.03 17.43 -3.57
CA SER A 59 17.33 18.73 -3.03
C SER A 59 17.98 18.57 -1.66
N ALA A 60 19.20 19.07 -1.54
CA ALA A 60 19.98 19.04 -0.29
C ALA A 60 19.81 17.73 0.47
N GLU A 61 20.02 16.62 -0.23
CA GLU A 61 19.87 15.29 0.34
C GLU A 61 20.77 14.99 1.54
N THR A 62 21.83 15.77 1.72
CA THR A 62 22.72 15.56 2.86
C THR A 62 22.31 16.54 3.95
N GLY A 63 21.07 16.38 4.40
CA GLY A 63 20.53 17.25 5.42
C GLY A 63 19.21 16.63 5.83
N PRO A 64 18.33 17.41 6.45
CA PRO A 64 17.02 16.93 6.89
C PRO A 64 16.18 16.32 5.76
N ASN A 65 16.34 16.83 4.54
CA ASN A 65 15.58 16.36 3.39
C ASN A 65 15.75 14.85 3.18
N GLY A 66 16.96 14.37 3.46
CA GLY A 66 17.23 12.95 3.36
C GLY A 66 17.52 12.45 1.96
N PRO A 67 17.94 11.18 1.86
CA PRO A 67 18.28 10.54 0.59
C PRO A 67 17.05 10.19 -0.23
N LEU A 68 17.27 9.97 -1.52
CA LEU A 68 16.20 9.56 -2.41
C LEU A 68 15.75 8.19 -1.91
N VAL A 69 14.44 7.92 -1.93
CA VAL A 69 13.98 6.61 -1.48
C VAL A 69 14.75 5.54 -2.29
N PRO A 70 15.30 4.53 -1.61
CA PRO A 70 16.08 3.44 -2.19
C PRO A 70 15.53 2.76 -3.44
N GLU A 71 14.21 2.57 -3.49
CA GLU A 71 13.59 1.92 -4.64
C GLU A 71 13.91 2.61 -5.97
N LEU A 72 13.79 3.93 -6.00
CA LEU A 72 14.04 4.68 -7.22
C LEU A 72 15.52 4.60 -7.63
N LYS A 73 16.39 4.78 -6.66
CA LYS A 73 17.83 4.71 -6.88
C LYS A 73 18.19 3.34 -7.47
N ALA A 74 17.64 2.28 -6.87
CA ALA A 74 17.89 0.91 -7.32
C ALA A 74 17.30 0.62 -8.69
N GLN A 75 16.14 1.21 -8.98
CA GLN A 75 15.46 0.98 -10.25
C GLN A 75 16.06 1.69 -11.45
N PHE A 76 16.68 2.84 -11.23
CA PHE A 76 17.28 3.62 -12.31
C PHE A 76 18.75 3.91 -11.99
N PRO A 77 19.58 2.85 -11.91
CA PRO A 77 21.00 3.05 -11.60
C PRO A 77 21.79 3.83 -12.63
N ASP A 78 21.38 3.80 -13.89
CA ASP A 78 22.10 4.51 -14.94
C ASP A 78 21.47 5.84 -15.34
N ALA A 79 20.35 6.21 -14.72
CA ALA A 79 19.68 7.46 -15.06
C ALA A 79 20.42 8.66 -14.52
N PRO A 80 20.25 9.82 -15.16
CA PRO A 80 20.90 11.03 -14.69
C PRO A 80 20.41 11.26 -13.25
N TYR A 81 21.32 11.55 -12.35
CA TYR A 81 20.98 11.77 -10.96
C TYR A 81 21.59 13.10 -10.58
N ILE A 82 20.76 14.13 -10.49
CA ILE A 82 21.21 15.48 -10.17
C ILE A 82 20.88 15.84 -8.72
N ALA A 83 21.91 15.82 -7.87
CA ALA A 83 21.75 16.19 -6.48
C ALA A 83 21.96 17.69 -6.45
N ARG A 84 20.87 18.45 -6.39
CA ARG A 84 20.95 19.90 -6.38
C ARG A 84 21.36 20.40 -5.00
N PRO A 85 22.48 21.14 -4.94
CA PRO A 85 22.94 21.65 -3.64
C PRO A 85 22.19 22.87 -3.16
N GLY A 86 21.49 23.57 -4.06
CA GLY A 86 20.78 24.76 -3.63
C GLY A 86 19.52 25.18 -4.38
N ASN A 87 19.50 25.02 -5.70
CA ASN A 87 18.34 25.40 -6.48
C ASN A 87 17.06 24.66 -6.10
N ILE A 88 16.05 25.42 -5.71
CA ILE A 88 14.77 24.85 -5.29
C ILE A 88 14.01 24.36 -6.52
N ASN A 89 13.89 25.22 -7.54
CA ASN A 89 13.25 24.83 -8.81
C ASN A 89 14.36 24.08 -9.57
N ALA A 90 14.14 22.79 -9.84
CA ALA A 90 15.11 21.96 -10.57
C ALA A 90 15.50 22.57 -11.91
N TRP A 91 14.56 23.28 -12.54
CA TRP A 91 14.83 23.92 -13.82
C TRP A 91 15.92 24.98 -13.72
N ASP A 92 16.18 25.50 -12.53
CA ASP A 92 17.23 26.50 -12.32
C ASP A 92 18.61 25.85 -12.26
N ASN A 93 18.65 24.52 -12.21
CA ASN A 93 19.90 23.76 -12.17
C ASN A 93 20.28 23.44 -13.62
N GLU A 94 21.43 23.94 -14.07
CA GLU A 94 21.86 23.71 -15.45
C GLU A 94 22.02 22.24 -15.86
N ASP A 95 22.56 21.42 -14.95
CA ASP A 95 22.74 20.00 -15.22
C ASP A 95 21.39 19.34 -15.41
N PHE A 96 20.40 19.75 -14.62
CA PHE A 96 19.07 19.17 -14.71
C PHE A 96 18.46 19.43 -16.08
N VAL A 97 18.44 20.70 -16.49
CA VAL A 97 17.86 21.07 -17.79
C VAL A 97 18.60 20.35 -18.93
N LYS A 98 19.92 20.28 -18.84
CA LYS A 98 20.72 19.61 -19.86
C LYS A 98 20.28 18.14 -19.97
N ALA A 99 20.13 17.47 -18.84
CA ALA A 99 19.72 16.07 -18.84
C ALA A 99 18.32 15.93 -19.47
N VAL A 100 17.41 16.83 -19.11
CA VAL A 100 16.05 16.80 -19.67
C VAL A 100 16.09 16.96 -21.18
N LYS A 101 16.79 17.98 -21.66
CA LYS A 101 16.88 18.22 -23.09
C LYS A 101 17.62 17.13 -23.83
N ALA A 102 18.56 16.47 -23.15
CA ALA A 102 19.34 15.39 -23.76
C ALA A 102 18.49 14.16 -24.05
N THR A 103 17.35 14.04 -23.39
CA THR A 103 16.48 12.89 -23.64
C THR A 103 15.89 13.01 -25.04
N GLY A 104 15.80 14.25 -25.52
CA GLY A 104 15.25 14.51 -26.84
C GLY A 104 13.75 14.34 -26.89
N LYS A 105 13.10 14.27 -25.73
CA LYS A 105 11.66 14.07 -25.64
C LYS A 105 10.89 15.38 -25.48
N LYS A 106 9.79 15.50 -26.23
CA LYS A 106 8.93 16.68 -26.20
C LYS A 106 7.98 16.67 -24.98
N GLN A 107 7.57 15.48 -24.56
CA GLN A 107 6.63 15.35 -23.44
C GLN A 107 7.36 15.02 -22.16
N LEU A 108 6.98 15.67 -21.07
CA LEU A 108 7.60 15.42 -19.78
C LEU A 108 6.53 15.01 -18.79
N ILE A 109 6.74 13.85 -18.18
CA ILE A 109 5.83 13.31 -17.17
C ILE A 109 6.53 13.66 -15.86
N ILE A 110 5.91 14.53 -15.05
CA ILE A 110 6.56 14.97 -13.82
C ILE A 110 5.81 14.63 -12.55
N ALA A 111 6.56 14.23 -11.52
CA ALA A 111 5.99 13.90 -10.21
C ALA A 111 7.06 14.20 -9.18
N GLY A 112 6.68 14.44 -7.93
CA GLY A 112 7.66 14.76 -6.91
C GLY A 112 7.06 15.36 -5.66
N VAL A 113 7.91 15.88 -4.77
CA VAL A 113 7.42 16.48 -3.53
C VAL A 113 8.25 17.71 -3.16
N VAL A 114 7.61 18.81 -2.73
CA VAL A 114 6.16 18.97 -2.59
C VAL A 114 5.55 19.45 -3.91
N THR A 115 4.32 19.05 -4.13
CA THR A 115 3.57 19.39 -5.38
C THR A 115 3.66 20.83 -5.86
N GLU A 116 3.45 21.77 -4.95
CA GLU A 116 3.42 23.20 -5.30
C GLU A 116 4.81 23.87 -5.49
N VAL A 117 5.87 23.12 -5.19
CA VAL A 117 7.22 23.66 -5.34
C VAL A 117 8.08 22.80 -6.27
N CYS A 118 8.43 21.60 -5.83
CA CYS A 118 9.29 20.76 -6.66
C CYS A 118 8.67 20.24 -7.93
N VAL A 119 7.34 20.18 -7.99
CA VAL A 119 6.67 19.75 -9.21
C VAL A 119 6.25 20.98 -10.01
N ALA A 120 5.47 21.85 -9.39
CA ALA A 120 4.97 23.06 -10.08
C ALA A 120 6.03 23.98 -10.68
N PHE A 121 7.09 24.28 -9.93
CA PHE A 121 8.11 25.20 -10.46
C PHE A 121 8.71 24.69 -11.77
N PRO A 122 9.28 23.47 -11.77
CA PRO A 122 9.84 23.00 -13.04
C PRO A 122 8.76 22.76 -14.11
N ALA A 123 7.54 22.38 -13.68
CA ALA A 123 6.47 22.19 -14.67
C ALA A 123 6.21 23.51 -15.41
N LEU A 124 6.13 24.60 -14.65
CA LEU A 124 5.87 25.91 -15.24
C LEU A 124 7.03 26.37 -16.11
N SER A 125 8.25 26.12 -15.65
CA SER A 125 9.45 26.50 -16.39
C SER A 125 9.49 25.73 -17.72
N ALA A 126 9.18 24.44 -17.66
CA ALA A 126 9.18 23.57 -18.84
C ALA A 126 8.12 23.99 -19.86
N ILE A 127 6.94 24.41 -19.38
CA ILE A 127 5.87 24.87 -20.25
C ILE A 127 6.36 26.12 -20.98
N GLU A 128 7.02 27.02 -20.26
CA GLU A 128 7.54 28.24 -20.90
C GLU A 128 8.56 27.89 -21.99
N GLU A 129 9.33 26.83 -21.76
CA GLU A 129 10.32 26.39 -22.72
C GLU A 129 9.73 25.65 -23.92
N GLY A 130 8.42 25.41 -23.91
CA GLY A 130 7.80 24.73 -25.03
C GLY A 130 7.52 23.26 -24.89
N PHE A 131 7.78 22.68 -23.73
CA PHE A 131 7.51 21.25 -23.54
C PHE A 131 6.03 20.98 -23.25
N ASP A 132 5.58 19.78 -23.57
CA ASP A 132 4.22 19.37 -23.25
C ASP A 132 4.37 18.68 -21.91
N VAL A 133 3.76 19.26 -20.88
CA VAL A 133 3.90 18.74 -19.52
C VAL A 133 2.68 18.00 -19.02
N PHE A 134 2.93 16.84 -18.41
CA PHE A 134 1.91 15.97 -17.84
C PHE A 134 2.30 15.76 -16.37
N VAL A 135 1.47 16.24 -15.45
CA VAL A 135 1.74 16.11 -14.03
C VAL A 135 1.04 14.88 -13.46
N VAL A 136 1.78 14.03 -12.75
CA VAL A 136 1.16 12.84 -12.14
C VAL A 136 0.75 13.28 -10.73
N THR A 137 -0.50 13.69 -10.61
CA THR A 137 -1.02 14.24 -9.36
C THR A 137 -1.14 13.27 -8.20
N ASP A 138 -1.25 11.97 -8.51
CA ASP A 138 -1.34 10.99 -7.44
C ASP A 138 0.02 10.39 -7.03
N ALA A 139 1.10 10.84 -7.67
CA ALA A 139 2.45 10.42 -7.32
C ALA A 139 3.26 11.66 -6.87
N SER A 140 2.56 12.76 -6.62
CA SER A 140 3.15 14.01 -6.14
C SER A 140 2.46 14.28 -4.82
N GLY A 141 3.20 14.73 -3.82
CA GLY A 141 2.59 14.94 -2.51
C GLY A 141 2.89 16.28 -1.88
N THR A 142 2.01 16.71 -0.98
CA THR A 142 2.20 17.99 -0.33
C THR A 142 1.55 18.01 1.05
N PHE A 143 1.57 19.18 1.69
CA PHE A 143 1.03 19.36 3.03
C PHE A 143 -0.45 19.01 3.23
N ASN A 144 -1.31 19.53 2.37
CA ASN A 144 -2.74 19.33 2.52
C ASN A 144 -3.46 19.61 1.21
N GLU A 145 -4.79 19.49 1.21
CA GLU A 145 -5.59 19.71 0.02
C GLU A 145 -5.56 21.12 -0.52
N ILE A 146 -5.40 22.10 0.36
CA ILE A 146 -5.31 23.48 -0.10
C ILE A 146 -4.00 23.72 -0.87
N THR A 147 -2.87 23.26 -0.33
CA THR A 147 -1.59 23.46 -1.01
C THR A 147 -1.60 22.68 -2.32
N ARG A 148 -2.25 21.52 -2.31
CA ARG A 148 -2.36 20.70 -3.52
C ARG A 148 -3.24 21.37 -4.58
N HIS A 149 -4.49 21.65 -4.24
CA HIS A 149 -5.43 22.23 -5.19
C HIS A 149 -5.01 23.59 -5.73
N SER A 150 -4.33 24.38 -4.92
CA SER A 150 -3.83 25.68 -5.37
C SER A 150 -2.79 25.44 -6.47
N ALA A 151 -1.95 24.44 -6.26
CA ALA A 151 -0.93 24.06 -7.24
C ALA A 151 -1.57 23.55 -8.52
N TRP A 152 -2.60 22.69 -8.39
CA TRP A 152 -3.30 22.16 -9.57
C TRP A 152 -3.81 23.30 -10.41
N ASP A 153 -4.47 24.25 -9.75
CA ASP A 153 -5.01 25.41 -10.44
C ASP A 153 -3.91 26.14 -11.20
N ARG A 154 -2.81 26.39 -10.51
CA ARG A 154 -1.68 27.10 -11.10
C ARG A 154 -1.07 26.37 -12.31
N MET A 155 -0.89 25.06 -12.20
CA MET A 155 -0.32 24.28 -13.29
C MET A 155 -1.29 24.16 -14.47
N SER A 156 -2.56 23.92 -14.18
CA SER A 156 -3.58 23.79 -15.21
C SER A 156 -3.73 25.11 -15.99
N GLN A 157 -3.71 26.22 -15.26
CA GLN A 157 -3.82 27.57 -15.77
C GLN A 157 -2.71 27.80 -16.82
N ALA A 158 -1.54 27.23 -16.55
CA ALA A 158 -0.38 27.38 -17.44
C ALA A 158 -0.41 26.43 -18.63
N GLY A 159 -1.29 25.43 -18.59
CA GLY A 159 -1.37 24.49 -19.69
C GLY A 159 -0.90 23.08 -19.37
N ALA A 160 -0.57 22.79 -18.12
CA ALA A 160 -0.15 21.44 -17.77
C ALA A 160 -1.35 20.51 -17.80
N GLN A 161 -1.15 19.27 -18.25
CA GLN A 161 -2.23 18.30 -18.26
C GLN A 161 -2.12 17.51 -16.95
N LEU A 162 -3.20 17.49 -16.17
CA LEU A 162 -3.20 16.78 -14.90
C LEU A 162 -3.62 15.36 -15.15
N MET A 163 -2.76 14.42 -14.80
CA MET A 163 -3.03 13.01 -14.99
C MET A 163 -2.67 12.20 -13.72
N THR A 164 -3.05 10.94 -13.72
CA THR A 164 -2.75 10.06 -12.59
C THR A 164 -2.03 8.84 -13.17
N TRP A 165 -1.25 8.13 -12.36
CA TRP A 165 -0.44 7.04 -12.89
C TRP A 165 -1.11 5.99 -13.74
N PHE A 166 -2.28 5.52 -13.35
CA PHE A 166 -2.97 4.49 -14.13
C PHE A 166 -3.34 5.06 -15.50
N GLY A 167 -3.82 6.30 -15.50
CA GLY A 167 -4.17 6.97 -16.75
C GLY A 167 -2.93 7.12 -17.64
N VAL A 168 -1.80 7.50 -17.03
CA VAL A 168 -0.52 7.66 -17.73
C VAL A 168 -0.13 6.32 -18.40
N ALA A 169 -0.20 5.22 -17.65
CA ALA A 169 0.16 3.92 -18.18
C ALA A 169 -0.74 3.54 -19.37
N CYS A 170 -2.04 3.80 -19.25
CA CYS A 170 -2.98 3.46 -20.30
C CYS A 170 -2.81 4.29 -21.57
N GLU A 171 -2.49 5.57 -21.40
CA GLU A 171 -2.30 6.43 -22.55
C GLU A 171 -1.00 6.05 -23.27
N LEU A 172 0.01 5.62 -22.51
CA LEU A 172 1.28 5.21 -23.08
C LEU A 172 1.18 3.87 -23.81
N HIS A 173 0.49 2.92 -23.19
CA HIS A 173 0.37 1.58 -23.74
C HIS A 173 -0.50 1.52 -24.98
N ARG A 174 -1.62 2.24 -24.95
CA ARG A 174 -2.57 2.30 -26.08
C ARG A 174 -3.35 1.04 -26.39
N ASP A 175 -2.68 -0.12 -26.42
CA ASP A 175 -3.28 -1.40 -26.77
C ASP A 175 -2.75 -2.55 -25.94
N TRP A 176 -3.68 -3.27 -25.31
CA TRP A 176 -3.35 -4.43 -24.48
C TRP A 176 -2.50 -5.43 -25.25
N ARG A 177 -2.91 -5.69 -26.49
CA ARG A 177 -2.22 -6.65 -27.35
C ARG A 177 -0.73 -6.39 -27.57
N ASN A 178 -0.28 -5.17 -27.27
CA ASN A 178 1.13 -4.83 -27.42
C ASN A 178 1.97 -5.64 -26.44
N ASP A 179 1.35 -6.09 -25.34
CA ASP A 179 1.97 -6.90 -24.30
C ASP A 179 0.99 -7.01 -23.14
N ILE A 180 0.10 -7.99 -23.20
CA ILE A 180 -0.91 -8.20 -22.16
C ILE A 180 -0.33 -8.50 -20.80
N ALA A 181 0.50 -9.54 -20.72
CA ALA A 181 1.11 -9.94 -19.45
C ALA A 181 1.87 -8.82 -18.75
N GLY A 182 2.61 -8.04 -19.51
CA GLY A 182 3.38 -6.95 -18.95
C GLY A 182 2.53 -5.89 -18.28
N LEU A 183 1.51 -5.41 -18.98
CA LEU A 183 0.64 -4.38 -18.42
C LEU A 183 -0.15 -4.97 -17.25
N ALA A 184 -0.62 -6.19 -17.42
CA ALA A 184 -1.39 -6.88 -16.39
C ALA A 184 -0.58 -7.01 -15.10
N THR A 185 0.72 -7.28 -15.24
CA THR A 185 1.60 -7.41 -14.09
C THR A 185 1.73 -6.07 -13.37
N LEU A 186 1.91 -5.01 -14.13
CA LEU A 186 2.03 -3.66 -13.56
C LEU A 186 0.76 -3.33 -12.77
N PHE A 187 -0.40 -3.62 -13.37
CA PHE A 187 -1.67 -3.35 -12.72
C PHE A 187 -1.88 -4.20 -11.48
N SER A 188 -1.61 -5.49 -11.60
CA SER A 188 -1.77 -6.42 -10.48
C SER A 188 -0.88 -6.03 -9.29
N ASN A 189 0.33 -5.57 -9.57
CA ASN A 189 1.26 -5.16 -8.52
C ASN A 189 0.90 -3.85 -7.84
N HIS A 190 0.07 -3.04 -8.49
CA HIS A 190 -0.27 -1.74 -7.95
C HIS A 190 -1.75 -1.39 -7.75
N ILE A 191 -2.63 -2.35 -8.01
CA ILE A 191 -4.06 -2.12 -7.82
C ILE A 191 -4.64 -3.39 -7.18
N PRO A 192 -4.71 -3.43 -5.83
CA PRO A 192 -5.24 -4.60 -5.13
C PRO A 192 -6.55 -5.12 -5.72
N ASP A 193 -7.46 -4.22 -6.09
CA ASP A 193 -8.75 -4.62 -6.66
C ASP A 193 -8.58 -5.38 -7.97
N TYR A 194 -7.64 -4.94 -8.80
CA TYR A 194 -7.39 -5.59 -10.07
C TYR A 194 -6.74 -6.95 -9.85
N ARG A 195 -5.79 -7.00 -8.93
CA ARG A 195 -5.13 -8.26 -8.60
C ARG A 195 -6.17 -9.29 -8.16
N ASN A 196 -7.17 -8.85 -7.38
CA ASN A 196 -8.22 -9.76 -6.90
C ASN A 196 -9.05 -10.31 -8.06
N LEU A 197 -9.35 -9.45 -9.03
CA LEU A 197 -10.11 -9.86 -10.21
C LEU A 197 -9.30 -10.91 -10.97
N MET A 198 -7.99 -10.70 -11.04
CA MET A 198 -7.09 -11.65 -11.72
C MET A 198 -7.08 -12.98 -10.99
N THR A 199 -6.94 -12.94 -9.67
CA THR A 199 -6.91 -14.15 -8.87
C THR A 199 -8.17 -14.98 -9.13
N SER A 200 -9.34 -14.37 -9.02
CA SER A 200 -10.57 -15.11 -9.25
C SER A 200 -10.64 -15.68 -10.66
N TYR A 201 -10.34 -14.84 -11.64
CA TYR A 201 -10.37 -15.25 -13.04
C TYR A 201 -9.38 -16.40 -13.32
N ASP A 202 -8.17 -16.26 -12.80
CA ASP A 202 -7.15 -17.27 -12.99
C ASP A 202 -7.47 -18.61 -12.35
N THR A 203 -8.02 -18.62 -11.14
CA THR A 203 -8.31 -19.90 -10.51
C THR A 203 -9.50 -20.58 -11.18
N LEU A 204 -10.37 -19.80 -11.79
CA LEU A 204 -11.55 -20.34 -12.46
C LEU A 204 -11.29 -20.84 -13.86
N THR A 205 -10.32 -20.22 -14.55
CA THR A 205 -10.01 -20.59 -15.92
C THR A 205 -8.78 -21.48 -16.07
N THR B 2 -7.49 -3.88 39.89
CA THR B 2 -8.72 -3.39 39.24
C THR B 2 -8.97 -4.34 38.07
N LYS B 3 -9.28 -3.80 36.89
CA LYS B 3 -9.47 -4.65 35.73
C LYS B 3 -8.07 -5.07 35.32
N PRO B 4 -7.85 -6.38 35.17
CA PRO B 4 -6.55 -6.88 34.77
C PRO B 4 -6.27 -6.53 33.31
N TYR B 5 -5.01 -6.29 33.01
CA TYR B 5 -4.59 -5.98 31.65
C TYR B 5 -4.37 -7.35 31.00
N VAL B 6 -5.35 -7.79 30.22
CA VAL B 6 -5.28 -9.09 29.54
C VAL B 6 -4.51 -8.87 28.25
N ARG B 7 -3.19 -8.97 28.33
CA ARG B 7 -2.35 -8.72 27.16
C ARG B 7 -1.91 -9.92 26.38
N LEU B 8 -1.70 -9.71 25.08
CA LEU B 8 -1.26 -10.75 24.18
C LEU B 8 0.04 -11.37 24.65
N ASP B 9 0.06 -12.69 24.62
CA ASP B 9 1.19 -13.48 25.05
C ASP B 9 1.53 -14.32 23.83
N LYS B 10 2.73 -14.13 23.27
CA LYS B 10 3.12 -14.87 22.08
C LYS B 10 3.13 -16.38 22.23
N ASN B 11 3.04 -16.87 23.46
CA ASN B 11 3.02 -18.31 23.69
C ASN B 11 1.63 -18.85 24.02
N ASP B 12 0.63 -17.98 24.08
CA ASP B 12 -0.73 -18.40 24.39
C ASP B 12 -1.76 -17.78 23.43
N ALA B 13 -1.32 -17.46 22.21
CA ALA B 13 -2.19 -16.84 21.20
C ALA B 13 -2.19 -17.55 19.86
N ALA B 14 -3.36 -17.63 19.24
CA ALA B 14 -3.52 -18.23 17.92
C ALA B 14 -4.14 -17.14 17.03
N VAL B 15 -3.90 -17.21 15.73
CA VAL B 15 -4.43 -16.24 14.79
C VAL B 15 -5.46 -16.89 13.88
N LEU B 16 -6.64 -16.29 13.78
CA LEU B 16 -7.71 -16.80 12.92
C LEU B 16 -7.93 -15.80 11.77
N LEU B 17 -7.63 -16.22 10.54
CA LEU B 17 -7.80 -15.37 9.36
C LEU B 17 -9.03 -15.90 8.63
N VAL B 18 -10.11 -15.16 8.75
CA VAL B 18 -11.40 -15.55 8.21
C VAL B 18 -11.91 -14.87 6.95
N ASP B 19 -11.97 -15.64 5.87
CA ASP B 19 -12.52 -15.20 4.59
C ASP B 19 -11.89 -14.01 3.85
N HIS B 20 -10.56 -13.88 3.88
CA HIS B 20 -9.89 -12.81 3.14
C HIS B 20 -9.77 -13.36 1.73
N GLN B 21 -10.91 -13.40 1.04
CA GLN B 21 -10.99 -13.94 -0.31
C GLN B 21 -11.03 -12.88 -1.41
N ALA B 22 -10.49 -13.23 -2.57
CA ALA B 22 -10.41 -12.31 -3.69
C ALA B 22 -11.74 -11.61 -4.04
N GLY B 23 -12.84 -12.37 -4.08
CA GLY B 23 -14.13 -11.79 -4.41
C GLY B 23 -14.64 -10.93 -3.27
N LEU B 24 -14.65 -11.49 -2.06
CA LEU B 24 -15.12 -10.77 -0.88
C LEU B 24 -14.39 -9.46 -0.61
N LEU B 25 -13.11 -9.35 -1.01
CA LEU B 25 -12.37 -8.11 -0.77
C LEU B 25 -12.95 -6.94 -1.57
N SER B 26 -13.68 -7.24 -2.64
CA SER B 26 -14.26 -6.15 -3.42
C SER B 26 -15.39 -5.48 -2.63
N LEU B 27 -15.92 -6.18 -1.63
CA LEU B 27 -16.99 -5.63 -0.82
C LEU B 27 -16.47 -4.68 0.25
N VAL B 28 -15.17 -4.76 0.53
CA VAL B 28 -14.55 -3.93 1.54
C VAL B 28 -14.38 -2.51 1.04
N ARG B 29 -15.14 -1.58 1.63
CA ARG B 29 -15.07 -0.18 1.25
C ARG B 29 -14.91 0.77 2.44
N ASP B 30 -14.89 0.22 3.66
CA ASP B 30 -14.71 1.06 4.84
C ASP B 30 -13.23 1.40 5.03
N ILE B 31 -12.34 0.58 4.47
CA ILE B 31 -10.90 0.84 4.54
C ILE B 31 -10.42 0.79 3.08
N GLU B 32 -9.72 1.83 2.62
CA GLU B 32 -9.27 1.86 1.22
C GLU B 32 -8.32 0.69 0.92
N PRO B 33 -8.36 0.17 -0.32
CA PRO B 33 -7.54 -0.98 -0.74
C PRO B 33 -6.04 -1.00 -0.54
N ASP B 34 -5.33 0.10 -0.78
CA ASP B 34 -3.88 0.06 -0.59
C ASP B 34 -3.55 -0.18 0.88
N LYS B 35 -4.22 0.55 1.76
CA LYS B 35 -4.02 0.41 3.19
C LYS B 35 -4.47 -0.98 3.66
N PHE B 36 -5.64 -1.40 3.19
CA PHE B 36 -6.17 -2.70 3.60
C PHE B 36 -5.26 -3.85 3.22
N LYS B 37 -4.78 -3.84 1.97
CA LYS B 37 -3.87 -4.89 1.51
C LYS B 37 -2.63 -4.90 2.40
N ASN B 38 -2.05 -3.73 2.63
CA ASN B 38 -0.85 -3.65 3.48
C ASN B 38 -1.08 -4.20 4.89
N ASN B 39 -2.24 -3.87 5.47
CA ASN B 39 -2.60 -4.30 6.83
C ASN B 39 -2.82 -5.81 6.94
N VAL B 40 -3.48 -6.40 5.94
CA VAL B 40 -3.75 -7.83 5.94
C VAL B 40 -2.41 -8.57 5.82
N LEU B 41 -1.56 -8.10 4.91
CA LEU B 41 -0.25 -8.71 4.72
C LEU B 41 0.65 -8.49 5.94
N ALA B 42 0.45 -7.40 6.66
CA ALA B 42 1.21 -7.11 7.88
C ALA B 42 0.81 -8.12 8.96
N LEU B 43 -0.48 -8.37 9.08
CA LEU B 43 -0.97 -9.34 10.06
C LEU B 43 -0.44 -10.75 9.73
N GLY B 44 -0.45 -11.12 8.45
CA GLY B 44 0.07 -12.42 8.04
C GLY B 44 1.55 -12.48 8.38
N ASP B 45 2.29 -11.41 8.09
CA ASP B 45 3.72 -11.38 8.39
C ASP B 45 4.01 -11.49 9.90
N LEU B 46 3.24 -10.80 10.74
CA LEU B 46 3.50 -10.86 12.17
C LEU B 46 3.15 -12.24 12.75
N ALA B 47 2.11 -12.87 12.19
CA ALA B 47 1.69 -14.19 12.65
C ALA B 47 2.83 -15.18 12.36
N LYS B 48 3.42 -15.05 11.17
CA LYS B 48 4.54 -15.90 10.77
C LYS B 48 5.77 -15.57 11.62
N TYR B 49 6.06 -14.29 11.77
CA TYR B 49 7.21 -13.84 12.56
C TYR B 49 7.21 -14.37 14.00
N PHE B 50 6.07 -14.24 14.67
CA PHE B 50 5.95 -14.71 16.05
C PHE B 50 5.63 -16.20 16.16
N ASN B 51 5.65 -16.91 15.04
CA ASN B 51 5.37 -18.35 15.02
C ASN B 51 4.06 -18.72 15.71
N LEU B 52 3.01 -17.94 15.49
CA LEU B 52 1.74 -18.22 16.14
C LEU B 52 0.95 -19.24 15.33
N PRO B 53 0.30 -20.20 16.02
CA PRO B 53 -0.51 -21.19 15.28
C PRO B 53 -1.58 -20.37 14.56
N THR B 54 -1.66 -20.56 13.25
CA THR B 54 -2.60 -19.80 12.45
C THR B 54 -3.59 -20.71 11.73
N ILE B 55 -4.85 -20.29 11.71
CA ILE B 55 -5.91 -21.04 11.05
C ILE B 55 -6.53 -20.19 9.93
N LEU B 56 -6.53 -20.77 8.73
CA LEU B 56 -7.10 -20.12 7.56
C LEU B 56 -8.47 -20.75 7.29
N THR B 57 -9.45 -19.94 6.90
CA THR B 57 -10.77 -20.48 6.59
C THR B 57 -11.42 -19.62 5.51
N THR B 58 -12.24 -20.26 4.68
CA THR B 58 -12.92 -19.56 3.60
C THR B 58 -14.38 -19.97 3.55
N SER B 59 -15.20 -19.15 2.88
CA SER B 59 -16.63 -19.41 2.75
C SER B 59 -16.98 -19.50 1.28
N ALA B 60 -17.50 -20.66 0.89
CA ALA B 60 -17.92 -20.92 -0.49
C ALA B 60 -16.94 -20.37 -1.52
N GLU B 61 -15.66 -20.70 -1.35
CA GLU B 61 -14.61 -20.22 -2.24
C GLU B 61 -14.77 -20.56 -3.71
N THR B 62 -15.57 -21.58 -4.02
CA THR B 62 -15.79 -21.97 -5.41
C THR B 62 -17.12 -21.36 -5.81
N GLY B 63 -17.10 -20.05 -5.94
CA GLY B 63 -18.30 -19.33 -6.29
C GLY B 63 -17.82 -17.89 -6.34
N PRO B 64 -18.74 -16.93 -6.38
CA PRO B 64 -18.40 -15.50 -6.44
C PRO B 64 -17.42 -15.05 -5.35
N ASN B 65 -17.50 -15.66 -4.16
CA ASN B 65 -16.63 -15.29 -3.03
C ASN B 65 -15.16 -15.36 -3.40
N GLY B 66 -14.82 -16.34 -4.24
CA GLY B 66 -13.46 -16.45 -4.69
C GLY B 66 -12.50 -17.14 -3.74
N PRO B 67 -11.28 -17.41 -4.23
CA PRO B 67 -10.24 -18.08 -3.46
C PRO B 67 -9.58 -17.20 -2.43
N LEU B 68 -8.89 -17.83 -1.49
CA LEU B 68 -8.17 -17.07 -0.48
C LEU B 68 -7.08 -16.26 -1.21
N VAL B 69 -6.80 -15.04 -0.76
CA VAL B 69 -5.75 -14.27 -1.43
C VAL B 69 -4.48 -15.13 -1.38
N PRO B 70 -3.81 -15.30 -2.54
CA PRO B 70 -2.59 -16.09 -2.71
C PRO B 70 -1.52 -15.95 -1.65
N GLU B 71 -1.27 -14.74 -1.18
CA GLU B 71 -0.21 -14.52 -0.19
C GLU B 71 -0.41 -15.30 1.11
N LEU B 72 -1.64 -15.36 1.60
CA LEU B 72 -1.89 -16.07 2.85
C LEU B 72 -1.70 -17.57 2.67
N LYS B 73 -2.19 -18.09 1.55
CA LYS B 73 -2.05 -19.50 1.22
C LYS B 73 -0.59 -19.87 1.16
N ALA B 74 0.18 -19.06 0.44
CA ALA B 74 1.61 -19.28 0.27
C ALA B 74 2.41 -19.14 1.57
N GLN B 75 1.97 -18.24 2.44
CA GLN B 75 2.67 -17.98 3.70
C GLN B 75 2.43 -19.03 4.78
N PHE B 76 1.27 -19.67 4.75
CA PHE B 76 0.93 -20.69 5.74
C PHE B 76 0.55 -22.00 5.05
N PRO B 77 1.51 -22.63 4.35
CA PRO B 77 1.24 -23.88 3.65
C PRO B 77 0.86 -25.07 4.52
N ASP B 78 1.27 -25.05 5.78
CA ASP B 78 0.93 -26.17 6.66
C ASP B 78 -0.16 -25.86 7.67
N ALA B 79 -0.70 -24.64 7.62
CA ALA B 79 -1.75 -24.26 8.55
C ALA B 79 -3.06 -24.94 8.20
N PRO B 80 -3.91 -25.17 9.21
CA PRO B 80 -5.22 -25.79 8.95
C PRO B 80 -5.92 -24.82 8.00
N TYR B 81 -6.55 -25.37 6.97
CA TYR B 81 -7.26 -24.59 5.96
C TYR B 81 -8.64 -25.20 5.86
N ILE B 82 -9.64 -24.53 6.44
CA ILE B 82 -11.00 -25.05 6.44
C ILE B 82 -11.87 -24.35 5.41
N ALA B 83 -12.18 -25.03 4.32
CA ALA B 83 -13.07 -24.47 3.30
C ALA B 83 -14.47 -24.81 3.76
N ARG B 84 -15.19 -23.82 4.27
CA ARG B 84 -16.55 -24.04 4.76
C ARG B 84 -17.51 -24.01 3.58
N PRO B 85 -18.29 -25.08 3.40
CA PRO B 85 -19.25 -25.15 2.30
C PRO B 85 -20.58 -24.47 2.53
N GLY B 86 -20.82 -23.96 3.74
CA GLY B 86 -22.10 -23.33 4.01
C GLY B 86 -22.24 -22.54 5.30
N ASN B 87 -21.55 -22.97 6.36
CA ASN B 87 -21.64 -22.26 7.62
C ASN B 87 -21.06 -20.86 7.54
N ILE B 88 -21.91 -19.87 7.77
CA ILE B 88 -21.50 -18.48 7.70
C ILE B 88 -20.59 -18.13 8.88
N ASN B 89 -21.03 -18.45 10.10
CA ASN B 89 -20.20 -18.23 11.29
C ASN B 89 -19.24 -19.43 11.32
N ALA B 90 -17.94 -19.16 11.17
CA ALA B 90 -16.93 -20.22 11.18
C ALA B 90 -17.00 -21.11 12.42
N TRP B 91 -17.46 -20.56 13.54
CA TRP B 91 -17.59 -21.33 14.77
C TRP B 91 -18.63 -22.44 14.63
N ASP B 92 -19.54 -22.33 13.66
CA ASP B 92 -20.55 -23.36 13.45
C ASP B 92 -19.99 -24.54 12.66
N ASN B 93 -18.80 -24.37 12.11
CA ASN B 93 -18.13 -25.43 11.34
C ASN B 93 -17.33 -26.25 12.36
N GLU B 94 -17.61 -27.54 12.45
CA GLU B 94 -16.93 -28.40 13.42
C GLU B 94 -15.41 -28.48 13.28
N ASP B 95 -14.93 -28.59 12.04
CA ASP B 95 -13.49 -28.66 11.78
C ASP B 95 -12.83 -27.39 12.25
N PHE B 96 -13.49 -26.26 12.00
CA PHE B 96 -12.93 -24.97 12.39
C PHE B 96 -12.74 -24.90 13.91
N VAL B 97 -13.80 -25.17 14.67
CA VAL B 97 -13.71 -25.13 16.12
C VAL B 97 -12.70 -26.14 16.64
N LYS B 98 -12.71 -27.34 16.08
CA LYS B 98 -11.76 -28.37 16.52
C LYS B 98 -10.32 -27.89 16.32
N ALA B 99 -10.08 -27.21 15.19
CA ALA B 99 -8.75 -26.70 14.88
C ALA B 99 -8.37 -25.62 15.89
N VAL B 100 -9.28 -24.70 16.17
CA VAL B 100 -9.03 -23.62 17.13
C VAL B 100 -8.67 -24.19 18.49
N LYS B 101 -9.46 -25.16 18.93
CA LYS B 101 -9.19 -25.78 20.22
C LYS B 101 -7.91 -26.62 20.27
N ALA B 102 -7.53 -27.21 19.14
CA ALA B 102 -6.32 -28.01 19.06
C ALA B 102 -5.04 -27.17 19.22
N THR B 103 -5.12 -25.87 18.93
CA THR B 103 -3.95 -24.99 19.09
C THR B 103 -3.58 -24.94 20.57
N GLY B 104 -4.58 -25.10 21.44
CA GLY B 104 -4.35 -25.06 22.86
C GLY B 104 -4.16 -23.64 23.37
N LYS B 105 -4.39 -22.65 22.51
CA LYS B 105 -4.24 -21.25 22.89
C LYS B 105 -5.50 -20.62 23.48
N LYS B 106 -5.33 -19.84 24.54
CA LYS B 106 -6.42 -19.17 25.22
C LYS B 106 -6.82 -17.87 24.48
N GLN B 107 -5.81 -17.21 23.91
CA GLN B 107 -6.05 -15.95 23.21
C GLN B 107 -6.22 -16.16 21.72
N LEU B 108 -7.23 -15.50 21.14
CA LEU B 108 -7.50 -15.61 19.71
C LEU B 108 -7.47 -14.24 19.05
N ILE B 109 -6.54 -14.07 18.12
CA ILE B 109 -6.38 -12.84 17.37
C ILE B 109 -7.17 -13.10 16.09
N ILE B 110 -8.25 -12.34 15.90
CA ILE B 110 -9.12 -12.56 14.76
C ILE B 110 -9.23 -11.39 13.78
N ALA B 111 -9.25 -11.71 12.50
CA ALA B 111 -9.41 -10.70 11.45
C ALA B 111 -10.07 -11.38 10.26
N GLY B 112 -10.79 -10.61 9.45
CA GLY B 112 -11.47 -11.20 8.31
C GLY B 112 -12.41 -10.26 7.62
N VAL B 113 -13.20 -10.78 6.68
CA VAL B 113 -14.16 -9.97 5.97
C VAL B 113 -15.43 -10.75 5.76
N VAL B 114 -16.61 -10.16 5.99
CA VAL B 114 -16.82 -8.78 6.45
C VAL B 114 -16.77 -8.78 7.97
N THR B 115 -16.30 -7.68 8.53
CA THR B 115 -16.14 -7.57 9.97
C THR B 115 -17.35 -7.88 10.86
N GLU B 116 -18.54 -7.51 10.42
CA GLU B 116 -19.75 -7.72 11.23
C GLU B 116 -20.31 -9.14 11.15
N VAL B 117 -19.75 -9.94 10.24
CA VAL B 117 -20.22 -11.31 10.07
C VAL B 117 -19.09 -12.31 10.31
N CYS B 118 -18.15 -12.37 9.37
CA CYS B 118 -17.07 -13.33 9.49
C CYS B 118 -16.12 -13.15 10.65
N VAL B 119 -16.06 -11.94 11.21
CA VAL B 119 -15.22 -11.70 12.36
C VAL B 119 -16.10 -11.70 13.61
N ALA B 120 -17.11 -10.84 13.63
CA ALA B 120 -17.99 -10.73 14.78
C ALA B 120 -18.66 -12.02 15.26
N PHE B 121 -19.17 -12.82 14.34
CA PHE B 121 -19.86 -14.05 14.74
C PHE B 121 -18.92 -14.99 15.48
N PRO B 122 -17.78 -15.37 14.87
CA PRO B 122 -16.90 -16.27 15.63
C PRO B 122 -16.31 -15.62 16.88
N ALA B 123 -16.08 -14.31 16.86
CA ALA B 123 -15.55 -13.63 18.05
C ALA B 123 -16.55 -13.78 19.21
N LEU B 124 -17.83 -13.53 18.93
CA LEU B 124 -18.87 -13.62 19.95
C LEU B 124 -19.02 -15.07 20.45
N SER B 125 -18.93 -16.02 19.53
CA SER B 125 -19.02 -17.44 19.88
C SER B 125 -17.85 -17.82 20.78
N ALA B 126 -16.65 -17.37 20.41
CA ALA B 126 -15.44 -17.68 21.15
C ALA B 126 -15.47 -17.10 22.56
N ILE B 127 -15.99 -15.88 22.68
CA ILE B 127 -16.10 -15.23 23.98
C ILE B 127 -17.02 -16.05 24.87
N GLU B 128 -18.12 -16.53 24.31
CA GLU B 128 -19.04 -17.34 25.09
C GLU B 128 -18.34 -18.59 25.59
N GLU B 129 -17.47 -19.15 24.75
CA GLU B 129 -16.72 -20.36 25.09
C GLU B 129 -15.58 -20.13 26.09
N GLY B 130 -15.34 -18.88 26.46
CA GLY B 130 -14.29 -18.60 27.43
C GLY B 130 -12.95 -18.09 26.93
N PHE B 131 -12.82 -17.93 25.61
CA PHE B 131 -11.57 -17.45 25.04
C PHE B 131 -11.36 -15.94 25.20
N ASP B 132 -10.12 -15.50 25.17
CA ASP B 132 -9.82 -14.07 25.25
C ASP B 132 -9.66 -13.65 23.80
N VAL B 133 -10.60 -12.83 23.33
CA VAL B 133 -10.64 -12.40 21.94
C VAL B 133 -10.08 -11.00 21.69
N PHE B 134 -9.21 -10.93 20.69
CA PHE B 134 -8.56 -9.70 20.28
C PHE B 134 -8.88 -9.55 18.78
N VAL B 135 -9.63 -8.50 18.44
CA VAL B 135 -10.02 -8.27 17.05
C VAL B 135 -9.06 -7.28 16.40
N VAL B 136 -8.55 -7.63 15.23
CA VAL B 136 -7.65 -6.73 14.50
C VAL B 136 -8.54 -5.90 13.57
N THR B 137 -8.97 -4.74 14.08
CA THR B 137 -9.89 -3.88 13.35
C THR B 137 -9.37 -3.29 12.05
N ASP B 138 -8.06 -3.12 11.92
CA ASP B 138 -7.54 -2.55 10.67
C ASP B 138 -7.17 -3.59 9.62
N ALA B 139 -7.34 -4.88 9.95
CA ALA B 139 -7.08 -5.98 9.00
C ALA B 139 -8.41 -6.72 8.74
N SER B 140 -9.51 -6.11 9.17
CA SER B 140 -10.87 -6.63 8.97
C SER B 140 -11.59 -5.56 8.14
N GLY B 141 -12.34 -5.99 7.14
CA GLY B 141 -13.01 -5.04 6.27
C GLY B 141 -14.50 -5.25 6.09
N THR B 142 -15.21 -4.18 5.77
CA THR B 142 -16.66 -4.26 5.60
C THR B 142 -17.19 -3.21 4.62
N PHE B 143 -18.51 -3.11 4.49
CA PHE B 143 -19.17 -2.18 3.58
C PHE B 143 -18.90 -0.70 3.80
N ASN B 144 -19.06 -0.25 5.04
CA ASN B 144 -18.89 1.17 5.33
C ASN B 144 -18.65 1.37 6.81
N GLU B 145 -18.55 2.62 7.24
CA GLU B 145 -18.29 2.90 8.65
C GLU B 145 -19.42 2.52 9.60
N ILE B 146 -20.67 2.51 9.11
CA ILE B 146 -21.81 2.13 9.96
C ILE B 146 -21.77 0.63 10.23
N THR B 147 -21.56 -0.19 9.19
CA THR B 147 -21.48 -1.63 9.41
C THR B 147 -20.27 -1.96 10.29
N ARG B 148 -19.19 -1.19 10.14
CA ARG B 148 -18.00 -1.40 10.94
C ARG B 148 -18.22 -1.01 12.40
N HIS B 149 -18.58 0.24 12.64
CA HIS B 149 -18.77 0.72 14.01
C HIS B 149 -19.84 0.00 14.79
N SER B 150 -20.90 -0.44 14.11
CA SER B 150 -21.94 -1.20 14.80
C SER B 150 -21.30 -2.52 15.30
N ALA B 151 -20.48 -3.15 14.46
CA ALA B 151 -19.81 -4.40 14.83
C ALA B 151 -18.85 -4.18 15.99
N TRP B 152 -18.08 -3.08 15.95
CA TRP B 152 -17.14 -2.76 17.04
C TRP B 152 -17.92 -2.69 18.34
N ASP B 153 -19.05 -1.98 18.30
CA ASP B 153 -19.88 -1.81 19.49
C ASP B 153 -20.32 -3.18 20.02
N ARG B 154 -20.82 -4.01 19.11
CA ARG B 154 -21.30 -5.34 19.47
C ARG B 154 -20.19 -6.21 20.06
N MET B 155 -19.02 -6.21 19.42
CA MET B 155 -17.90 -7.01 19.88
C MET B 155 -17.35 -6.51 21.23
N SER B 156 -17.20 -5.19 21.35
CA SER B 156 -16.69 -4.59 22.58
C SER B 156 -17.65 -4.84 23.75
N GLN B 157 -18.95 -4.72 23.47
CA GLN B 157 -20.02 -4.94 24.44
C GLN B 157 -19.89 -6.35 25.02
N ALA B 158 -19.49 -7.31 24.18
CA ALA B 158 -19.33 -8.70 24.61
C ALA B 158 -18.03 -8.95 25.36
N GLY B 159 -17.08 -8.02 25.27
CA GLY B 159 -15.81 -8.19 25.95
C GLY B 159 -14.59 -8.36 25.05
N ALA B 160 -14.77 -8.29 23.74
CA ALA B 160 -13.64 -8.41 22.82
C ALA B 160 -12.75 -7.16 22.96
N GLN B 161 -11.45 -7.33 22.81
CA GLN B 161 -10.50 -6.22 22.89
C GLN B 161 -10.20 -5.80 21.46
N LEU B 162 -10.49 -4.53 21.15
CA LEU B 162 -10.27 -4.01 19.82
C LEU B 162 -8.83 -3.54 19.70
N MET B 163 -8.10 -4.16 18.78
CA MET B 163 -6.71 -3.83 18.54
C MET B 163 -6.44 -3.63 17.04
N THR B 164 -5.23 -3.17 16.71
CA THR B 164 -4.85 -2.95 15.33
C THR B 164 -3.51 -3.64 15.14
N TRP B 165 -3.16 -4.01 13.91
CA TRP B 165 -1.95 -4.81 13.70
C TRP B 165 -0.64 -4.37 14.34
N PHE B 166 -0.32 -3.08 14.27
CA PHE B 166 0.93 -2.61 14.87
C PHE B 166 0.90 -2.80 16.40
N GLY B 167 -0.25 -2.50 17.01
CA GLY B 167 -0.41 -2.69 18.44
C GLY B 167 -0.26 -4.16 18.78
N VAL B 168 -0.85 -5.02 17.94
CA VAL B 168 -0.77 -6.48 18.14
C VAL B 168 0.71 -6.91 18.13
N ALA B 169 1.46 -6.43 17.15
CA ALA B 169 2.88 -6.76 17.05
C ALA B 169 3.67 -6.31 18.26
N CYS B 170 3.42 -5.09 18.73
CA CYS B 170 4.14 -4.54 19.89
C CYS B 170 3.78 -5.24 21.20
N GLU B 171 2.51 -5.63 21.35
CA GLU B 171 2.10 -6.29 22.57
C GLU B 171 2.67 -7.69 22.62
N LEU B 172 2.77 -8.35 21.47
CA LEU B 172 3.35 -9.68 21.40
C LEU B 172 4.86 -9.66 21.62
N HIS B 173 5.55 -8.70 20.99
CA HIS B 173 7.00 -8.58 21.06
C HIS B 173 7.54 -8.20 22.42
N ARG B 174 6.89 -7.23 23.06
CA ARG B 174 7.27 -6.75 24.40
C ARG B 174 8.56 -5.96 24.50
N ASP B 175 9.64 -6.50 23.94
CA ASP B 175 10.95 -5.87 24.03
C ASP B 175 11.68 -5.94 22.70
N TRP B 176 12.18 -4.79 22.26
CA TRP B 176 12.93 -4.69 21.00
C TRP B 176 14.13 -5.64 20.99
N ARG B 177 14.87 -5.63 22.10
CA ARG B 177 16.07 -6.45 22.26
C ARG B 177 15.89 -7.94 22.02
N ASN B 178 14.65 -8.42 22.04
CA ASN B 178 14.38 -9.84 21.78
C ASN B 178 14.80 -10.20 20.35
N ASP B 179 14.76 -9.21 19.46
CA ASP B 179 15.14 -9.35 18.05
C ASP B 179 14.82 -8.02 17.37
N ILE B 180 15.77 -7.09 17.44
CA ILE B 180 15.61 -5.77 16.86
C ILE B 180 15.39 -5.81 15.36
N ALA B 181 16.31 -6.44 14.64
CA ALA B 181 16.22 -6.53 13.18
C ALA B 181 14.91 -7.11 12.67
N GLY B 182 14.42 -8.14 13.34
CA GLY B 182 13.20 -8.78 12.91
C GLY B 182 11.99 -7.88 12.98
N LEU B 183 11.77 -7.27 14.14
CA LEU B 183 10.64 -6.39 14.32
C LEU B 183 10.80 -5.17 13.41
N ALA B 184 12.03 -4.66 13.30
CA ALA B 184 12.32 -3.49 12.48
C ALA B 184 11.97 -3.76 11.01
N THR B 185 12.23 -4.98 10.55
CA THR B 185 11.94 -5.37 9.19
C THR B 185 10.43 -5.42 8.98
N LEU B 186 9.71 -5.97 9.95
CA LEU B 186 8.26 -6.05 9.85
C LEU B 186 7.72 -4.62 9.71
N PHE B 187 8.18 -3.74 10.58
CA PHE B 187 7.73 -2.35 10.57
C PHE B 187 8.10 -1.64 9.27
N SER B 188 9.35 -1.84 8.84
CA SER B 188 9.82 -1.21 7.62
C SER B 188 9.02 -1.65 6.40
N ASN B 189 8.65 -2.92 6.38
CA ASN B 189 7.90 -3.45 5.24
C ASN B 189 6.44 -3.03 5.20
N HIS B 190 5.90 -2.59 6.33
CA HIS B 190 4.50 -2.22 6.40
C HIS B 190 4.12 -0.82 6.89
N ILE B 191 5.11 0.02 7.12
CA ILE B 191 4.84 1.39 7.55
C ILE B 191 5.82 2.28 6.78
N PRO B 192 5.38 2.83 5.64
CA PRO B 192 6.23 3.70 4.84
C PRO B 192 6.94 4.80 5.65
N ASP B 193 6.26 5.39 6.62
CA ASP B 193 6.86 6.46 7.43
C ASP B 193 8.04 5.92 8.25
N TYR B 194 7.88 4.72 8.79
CA TYR B 194 8.96 4.15 9.57
C TYR B 194 10.14 3.80 8.64
N ARG B 195 9.82 3.23 7.48
CA ARG B 195 10.86 2.89 6.52
C ARG B 195 11.69 4.14 6.17
N ASN B 196 11.01 5.28 6.02
CA ASN B 196 11.71 6.54 5.68
C ASN B 196 12.66 6.99 6.80
N LEU B 197 12.21 6.79 8.03
CA LEU B 197 13.00 7.13 9.20
C LEU B 197 14.26 6.26 9.19
N MET B 198 14.08 4.99 8.85
CA MET B 198 15.16 4.03 8.80
C MET B 198 16.17 4.40 7.72
N THR B 199 15.67 4.76 6.55
CA THR B 199 16.52 5.14 5.43
C THR B 199 17.41 6.32 5.80
N SER B 200 16.81 7.37 6.35
CA SER B 200 17.59 8.54 6.73
C SER B 200 18.64 8.21 7.81
N TYR B 201 18.20 7.47 8.83
CA TYR B 201 19.09 7.08 9.93
C TYR B 201 20.25 6.23 9.43
N ASP B 202 19.96 5.23 8.61
CA ASP B 202 20.97 4.34 8.07
C ASP B 202 21.99 5.04 7.19
N THR B 203 21.54 5.89 6.28
CA THR B 203 22.49 6.56 5.40
C THR B 203 23.40 7.48 6.16
N LEU B 204 22.91 8.03 7.27
CA LEU B 204 23.67 8.94 8.11
C LEU B 204 24.66 8.27 9.05
N THR B 205 24.31 7.08 9.53
CA THR B 205 25.16 6.36 10.47
C THR B 205 26.00 5.25 9.85
#